data_7NAG
#
_entry.id   7NAG
#
_cell.length_a   86.405
_cell.length_b   116.401
_cell.length_c   32.943
_cell.angle_alpha   90.000
_cell.angle_beta   90.000
_cell.angle_gamma   90.000
#
_symmetry.space_group_name_H-M   'P 21 21 2'
#
loop_
_entity.id
_entity.type
_entity.pdbx_description
1 polymer 'Sterile alpha and TIR motif-containing protein 1'
2 non-polymer '[[(2~{R},3~{S},4~{R},5~{R})-5-(6-aminopurin-9-yl)-3,4-bis(oxidanyl)oxolan-2-yl]methoxy-oxidanyl-phosphoryl] [(2~{R},3~{S},4~{R},5~{R})-5-(5-iodanylisoquinolin-2-yl)-3,4-bis(oxidanyl)oxolan-2-yl]methyl hydrogen phosphate'
3 water water
#
_entity_poly.entity_id   1
_entity_poly.type   'polypeptide(L)'
_entity_poly.pdbx_seq_one_letter_code
;SNADTPDVFISYRRNSGSQLASLLKVHLQLHGFSVFIDVEKLEAGKFEDKLIQSVMGARNFVLVLSPGALDKCMQDHDCK
DWVHKEIVTALSCGKNIVPIIDGFEWPEPQVLPEDMQAVLTFNGIKWSHEYQEATIEKIIRFLQ
;
_entity_poly.pdbx_strand_id   A,B
#
loop_
_chem_comp.id
_chem_comp.type
_chem_comp.name
_chem_comp.formula
1QD non-polymer '[[(2~{R},3~{S},4~{R},5~{R})-5-(6-aminopurin-9-yl)-3,4-bis(oxidanyl)oxolan-2-yl]methoxy-oxidanyl-phosphoryl] [(2~{R},3~{S},4~{R},5~{R})-5-(5-iodanylisoquinolin-2-yl)-3,4-bis(oxidanyl)oxolan-2-yl]methyl hydrogen phosphate' 'C24 H28 I N6 O13 P2 1'
#
# COMPACT_ATOMS: atom_id res chain seq x y z
N THR A 5 17.59 -18.97 2.27
CA THR A 5 17.09 -18.37 1.03
C THR A 5 15.58 -18.18 1.17
N PRO A 6 15.04 -17.17 0.49
CA PRO A 6 13.63 -16.82 0.73
C PRO A 6 12.66 -17.93 0.36
N ASP A 7 11.58 -18.02 1.15
CA ASP A 7 10.45 -18.92 0.90
C ASP A 7 9.47 -18.31 -0.11
N VAL A 8 9.44 -16.98 -0.22
CA VAL A 8 8.42 -16.25 -0.96
C VAL A 8 9.08 -15.16 -1.77
N PHE A 9 8.79 -15.10 -3.07
CA PHE A 9 9.21 -14.01 -3.94
C PHE A 9 7.98 -13.16 -4.26
N ILE A 10 8.07 -11.84 -4.10
CA ILE A 10 6.96 -10.94 -4.42
C ILE A 10 7.30 -10.19 -5.70
N SER A 11 6.46 -10.41 -6.73
CA SER A 11 6.57 -9.77 -8.03
C SER A 11 5.46 -8.73 -8.12
N TYR A 12 5.79 -7.52 -8.59
CA TYR A 12 4.84 -6.42 -8.59
C TYR A 12 5.25 -5.37 -9.59
N ARG A 13 4.27 -4.54 -9.96
CA ARG A 13 4.50 -3.40 -10.84
C ARG A 13 4.78 -2.19 -9.95
N ARG A 14 6.00 -1.64 -10.08
CA ARG A 14 6.44 -0.60 -9.15
C ARG A 14 5.51 0.59 -9.15
N ASN A 15 4.98 0.99 -10.31
CA ASN A 15 4.23 2.24 -10.34
C ASN A 15 2.80 2.11 -9.83
N SER A 16 2.33 0.91 -9.51
CA SER A 16 0.96 0.75 -9.03
C SER A 16 0.78 -0.21 -7.86
N GLY A 17 1.69 -1.18 -7.64
CA GLY A 17 1.51 -2.19 -6.63
C GLY A 17 2.56 -2.16 -5.52
N SER A 18 3.37 -1.08 -5.44
CA SER A 18 4.50 -1.09 -4.50
C SER A 18 4.02 -1.11 -3.05
N GLN A 19 2.96 -0.37 -2.75
N GLN A 19 2.96 -0.37 -2.75
CA GLN A 19 2.49 -0.29 -1.37
CA GLN A 19 2.50 -0.30 -1.37
C GLN A 19 1.90 -1.61 -0.91
C GLN A 19 1.93 -1.64 -0.93
N LEU A 20 1.09 -2.25 -1.76
CA LEU A 20 0.54 -3.55 -1.42
C LEU A 20 1.65 -4.60 -1.35
N ALA A 21 2.61 -4.57 -2.28
CA ALA A 21 3.71 -5.51 -2.22
C ALA A 21 4.44 -5.40 -0.88
N SER A 22 4.68 -4.18 -0.42
CA SER A 22 5.35 -3.93 0.85
C SER A 22 4.50 -4.40 2.04
N LEU A 23 3.20 -4.19 1.97
CA LEU A 23 2.31 -4.64 3.02
C LEU A 23 2.28 -6.15 3.11
N LEU A 24 2.22 -6.84 1.97
CA LEU A 24 2.33 -8.28 1.97
C LEU A 24 3.64 -8.74 2.58
N LYS A 25 4.75 -8.09 2.26
CA LYS A 25 6.03 -8.48 2.82
C LYS A 25 6.00 -8.42 4.34
N VAL A 26 5.48 -7.31 4.89
CA VAL A 26 5.48 -7.14 6.34
C VAL A 26 4.68 -8.24 7.01
N HIS A 27 3.46 -8.50 6.51
CA HIS A 27 2.61 -9.51 7.10
C HIS A 27 3.23 -10.90 7.00
N LEU A 28 3.78 -11.25 5.85
CA LEU A 28 4.31 -12.60 5.70
C LEU A 28 5.53 -12.79 6.58
N GLN A 29 6.36 -11.76 6.74
CA GLN A 29 7.50 -11.88 7.66
C GLN A 29 7.01 -12.04 9.10
N LEU A 30 5.97 -11.30 9.49
CA LEU A 30 5.40 -11.45 10.83
C LEU A 30 4.91 -12.88 11.07
N HIS A 31 4.49 -13.58 10.02
CA HIS A 31 4.01 -14.96 10.16
C HIS A 31 5.12 -15.99 9.94
N GLY A 32 6.38 -15.56 9.89
CA GLY A 32 7.51 -16.47 9.90
C GLY A 32 8.11 -16.81 8.55
N PHE A 33 7.64 -16.19 7.47
CA PHE A 33 8.18 -16.49 6.15
C PHE A 33 9.36 -15.58 5.85
N SER A 34 10.34 -16.14 5.14
N SER A 34 10.34 -16.14 5.14
CA SER A 34 11.41 -15.34 4.57
CA SER A 34 11.42 -15.36 4.56
C SER A 34 10.95 -14.86 3.20
C SER A 34 10.96 -14.87 3.19
N VAL A 35 11.03 -13.56 2.97
CA VAL A 35 10.39 -12.93 1.83
C VAL A 35 11.44 -12.20 1.02
N PHE A 36 11.41 -12.37 -0.30
CA PHE A 36 12.18 -11.56 -1.22
C PHE A 36 11.29 -10.48 -1.82
N ILE A 37 11.60 -9.22 -1.55
CA ILE A 37 11.12 -8.11 -2.37
C ILE A 37 12.37 -7.33 -2.75
N ASP A 38 12.40 -6.83 -3.99
CA ASP A 38 13.63 -6.29 -4.55
C ASP A 38 14.22 -5.19 -3.67
N VAL A 39 13.40 -4.26 -3.19
CA VAL A 39 13.96 -3.14 -2.42
C VAL A 39 14.58 -3.58 -1.09
N GLU A 40 14.30 -4.77 -0.59
CA GLU A 40 14.95 -5.19 0.66
C GLU A 40 16.07 -6.19 0.42
N LYS A 41 15.96 -7.03 -0.61
CA LYS A 41 16.88 -8.15 -0.74
C LYS A 41 17.65 -8.25 -2.07
N LEU A 42 17.35 -7.44 -3.07
CA LEU A 42 18.18 -7.42 -4.28
C LEU A 42 19.46 -6.66 -4.00
N GLU A 43 20.60 -7.32 -4.08
CA GLU A 43 21.82 -6.63 -3.71
C GLU A 43 22.71 -6.44 -4.93
N ALA A 44 24.02 -6.51 -4.75
CA ALA A 44 24.92 -6.06 -5.79
C ALA A 44 25.00 -7.06 -6.93
N GLY A 45 25.30 -6.54 -8.11
CA GLY A 45 25.59 -7.33 -9.27
C GLY A 45 24.62 -7.09 -10.39
N LYS A 46 24.73 -7.91 -11.43
CA LYS A 46 23.86 -7.76 -12.60
C LYS A 46 22.46 -8.21 -12.24
N PHE A 47 21.52 -7.25 -12.24
CA PHE A 47 20.24 -7.50 -11.61
C PHE A 47 19.42 -8.52 -12.40
N GLU A 48 19.65 -8.63 -13.70
CA GLU A 48 18.89 -9.65 -14.46
C GLU A 48 19.15 -11.05 -13.91
N ASP A 49 20.43 -11.42 -13.76
CA ASP A 49 20.76 -12.73 -13.23
C ASP A 49 20.26 -12.89 -11.80
N LYS A 50 20.43 -11.86 -10.97
CA LYS A 50 20.10 -11.99 -9.57
C LYS A 50 18.59 -12.14 -9.37
N LEU A 51 17.80 -11.41 -10.16
CA LEU A 51 16.34 -11.51 -9.99
C LEU A 51 15.84 -12.88 -10.39
N ILE A 52 16.29 -13.37 -11.55
CA ILE A 52 15.88 -14.70 -11.99
C ILE A 52 16.29 -15.76 -10.98
N GLN A 53 17.53 -15.65 -10.45
CA GLN A 53 17.98 -16.60 -9.43
C GLN A 53 17.09 -16.54 -8.19
N SER A 54 16.63 -15.35 -7.82
CA SER A 54 15.82 -15.20 -6.63
C SER A 54 14.42 -15.77 -6.82
N VAL A 55 13.85 -15.64 -8.03
CA VAL A 55 12.60 -16.34 -8.32
C VAL A 55 12.81 -17.84 -8.23
N MET A 56 13.91 -18.34 -8.82
CA MET A 56 14.19 -19.77 -8.79
C MET A 56 14.34 -20.29 -7.37
N GLY A 57 14.90 -19.49 -6.46
CA GLY A 57 15.16 -19.98 -5.12
C GLY A 57 13.96 -20.09 -4.23
N ALA A 58 12.88 -19.35 -4.50
CA ALA A 58 11.71 -19.31 -3.64
C ALA A 58 10.65 -20.32 -4.08
N ARG A 59 10.09 -21.03 -3.10
CA ARG A 59 9.06 -22.01 -3.41
C ARG A 59 7.78 -21.33 -3.87
N ASN A 60 7.47 -20.20 -3.25
CA ASN A 60 6.22 -19.48 -3.48
C ASN A 60 6.48 -18.23 -4.27
N PHE A 61 5.58 -17.93 -5.21
CA PHE A 61 5.68 -16.75 -6.06
C PHE A 61 4.37 -15.99 -5.90
N VAL A 62 4.44 -14.86 -5.19
CA VAL A 62 3.26 -14.02 -4.91
C VAL A 62 3.28 -12.88 -5.91
N LEU A 63 2.23 -12.81 -6.73
CA LEU A 63 2.15 -11.86 -7.85
C LEU A 63 1.10 -10.82 -7.53
N VAL A 64 1.51 -9.56 -7.43
CA VAL A 64 0.61 -8.47 -7.07
C VAL A 64 -0.04 -7.93 -8.33
N LEU A 65 -1.32 -8.25 -8.52
CA LEU A 65 -2.06 -7.82 -9.71
C LEU A 65 -2.86 -6.58 -9.32
N SER A 66 -2.17 -5.45 -9.32
CA SER A 66 -2.78 -4.13 -9.24
C SER A 66 -3.41 -3.79 -10.60
N PRO A 67 -4.16 -2.70 -10.68
CA PRO A 67 -4.82 -2.38 -11.96
C PRO A 67 -3.81 -2.17 -13.07
N GLY A 68 -4.02 -2.86 -14.20
CA GLY A 68 -3.14 -2.76 -15.35
C GLY A 68 -1.75 -3.36 -15.17
N ALA A 69 -1.56 -4.20 -14.16
CA ALA A 69 -0.21 -4.67 -13.84
C ALA A 69 0.44 -5.49 -14.94
N LEU A 70 -0.35 -6.12 -15.82
CA LEU A 70 0.19 -6.89 -16.90
C LEU A 70 0.16 -6.14 -18.23
N ASP A 71 -0.23 -4.86 -18.21
CA ASP A 71 -0.32 -4.12 -19.47
C ASP A 71 1.01 -4.10 -20.22
N LYS A 72 2.12 -3.85 -19.52
CA LYS A 72 3.42 -3.78 -20.19
C LYS A 72 3.92 -5.16 -20.64
N CYS A 73 3.27 -6.25 -20.22
CA CYS A 73 3.57 -7.57 -20.73
C CYS A 73 2.98 -7.81 -22.11
N MET A 74 1.97 -7.02 -22.46
CA MET A 74 1.24 -7.26 -23.71
C MET A 74 2.13 -6.90 -24.89
N GLN A 75 2.23 -7.83 -25.84
CA GLN A 75 3.08 -7.73 -27.02
C GLN A 75 4.57 -7.70 -26.68
N ASP A 76 4.94 -8.07 -25.45
CA ASP A 76 6.35 -8.10 -25.04
C ASP A 76 6.96 -9.46 -25.38
N HIS A 77 6.97 -9.79 -26.67
CA HIS A 77 7.30 -11.17 -27.03
C HIS A 77 8.79 -11.47 -26.90
N ASP A 78 9.64 -10.44 -26.90
CA ASP A 78 11.06 -10.54 -26.58
C ASP A 78 11.34 -10.61 -25.08
N CYS A 79 10.30 -10.58 -24.25
CA CYS A 79 10.41 -10.77 -22.81
C CYS A 79 11.39 -9.78 -22.19
N LYS A 80 11.20 -8.50 -22.51
CA LYS A 80 11.99 -7.43 -21.92
C LYS A 80 11.32 -6.83 -20.70
N ASP A 81 10.03 -7.04 -20.52
CA ASP A 81 9.35 -6.52 -19.33
C ASP A 81 9.66 -7.40 -18.11
N TRP A 82 9.90 -6.75 -16.97
CA TRP A 82 10.41 -7.51 -15.82
C TRP A 82 9.34 -8.34 -15.12
N VAL A 83 8.10 -7.84 -15.02
CA VAL A 83 7.06 -8.70 -14.47
C VAL A 83 6.85 -9.89 -15.38
N HIS A 84 6.87 -9.66 -16.70
CA HIS A 84 6.81 -10.78 -17.63
C HIS A 84 7.93 -11.79 -17.36
N LYS A 85 9.16 -11.32 -17.23
CA LYS A 85 10.29 -12.22 -17.00
C LYS A 85 10.11 -13.03 -15.72
N GLU A 86 9.68 -12.36 -14.65
CA GLU A 86 9.51 -13.04 -13.37
C GLU A 86 8.42 -14.10 -13.46
N ILE A 87 7.30 -13.77 -14.13
CA ILE A 87 6.21 -14.74 -14.28
C ILE A 87 6.68 -15.93 -15.09
N VAL A 88 7.38 -15.70 -16.21
CA VAL A 88 7.81 -16.82 -17.03
C VAL A 88 8.75 -17.73 -16.25
N THR A 89 9.66 -17.14 -15.47
CA THR A 89 10.53 -17.94 -14.61
C THR A 89 9.73 -18.78 -13.63
N ALA A 90 8.76 -18.16 -12.95
CA ALA A 90 7.96 -18.90 -11.98
C ALA A 90 7.16 -20.02 -12.64
N LEU A 91 6.60 -19.76 -13.83
CA LEU A 91 5.82 -20.79 -14.51
C LEU A 91 6.73 -21.95 -14.93
N SER A 92 7.89 -21.62 -15.52
N SER A 92 7.87 -21.61 -15.56
CA SER A 92 8.74 -22.66 -16.07
CA SER A 92 8.79 -22.64 -16.04
C SER A 92 9.48 -23.45 -15.00
C SER A 92 9.24 -23.54 -14.91
N CYS A 93 9.55 -22.95 -13.75
CA CYS A 93 10.05 -23.69 -12.62
C CYS A 93 8.96 -24.42 -11.84
N GLY A 94 7.70 -24.31 -12.23
CA GLY A 94 6.64 -24.97 -11.51
C GLY A 94 6.42 -24.44 -10.11
N LYS A 95 6.61 -23.14 -9.91
CA LYS A 95 6.44 -22.58 -8.60
C LYS A 95 4.98 -22.58 -8.14
N ASN A 96 4.80 -22.44 -6.83
CA ASN A 96 3.48 -22.22 -6.24
C ASN A 96 3.16 -20.75 -6.42
N ILE A 97 2.42 -20.47 -7.47
CA ILE A 97 2.06 -19.11 -7.86
C ILE A 97 0.76 -18.70 -7.17
N VAL A 98 0.79 -17.57 -6.49
CA VAL A 98 -0.33 -17.07 -5.72
C VAL A 98 -0.61 -15.63 -6.16
N PRO A 99 -1.53 -15.44 -7.11
CA PRO A 99 -1.87 -14.07 -7.53
C PRO A 99 -2.69 -13.39 -6.45
N ILE A 100 -2.42 -12.10 -6.27
CA ILE A 100 -3.18 -11.24 -5.36
C ILE A 100 -3.86 -10.18 -6.20
N ILE A 101 -5.18 -10.16 -6.17
CA ILE A 101 -5.98 -9.32 -7.06
C ILE A 101 -6.38 -8.07 -6.31
N ASP A 102 -5.93 -6.91 -6.78
CA ASP A 102 -6.26 -5.62 -6.17
C ASP A 102 -6.68 -4.66 -7.29
N GLY A 103 -7.91 -4.82 -7.76
CA GLY A 103 -8.41 -3.97 -8.82
C GLY A 103 -8.08 -4.45 -10.21
N PHE A 104 -7.52 -5.64 -10.34
CA PHE A 104 -7.10 -6.19 -11.62
C PHE A 104 -8.31 -6.66 -12.40
N GLU A 105 -8.34 -6.32 -13.69
CA GLU A 105 -9.35 -6.82 -14.62
C GLU A 105 -8.81 -8.04 -15.35
N TRP A 106 -9.54 -9.14 -15.31
CA TRP A 106 -9.12 -10.37 -15.96
C TRP A 106 -9.11 -10.21 -17.47
N PRO A 107 -7.97 -10.31 -18.14
CA PRO A 107 -7.93 -10.11 -19.59
C PRO A 107 -8.18 -11.40 -20.33
N GLU A 108 -8.51 -11.25 -21.61
CA GLU A 108 -8.53 -12.40 -22.50
C GLU A 108 -7.12 -12.95 -22.61
N PRO A 109 -6.92 -14.26 -22.50
CA PRO A 109 -5.54 -14.80 -22.55
C PRO A 109 -4.76 -14.38 -23.78
N GLN A 110 -5.42 -14.24 -24.93
CA GLN A 110 -4.68 -14.01 -26.17
C GLN A 110 -4.04 -12.63 -26.24
N VAL A 111 -4.30 -11.72 -25.29
CA VAL A 111 -3.58 -10.46 -25.30
C VAL A 111 -2.20 -10.58 -24.68
N LEU A 112 -1.92 -11.71 -24.01
CA LEU A 112 -0.64 -11.91 -23.38
C LEU A 112 0.24 -12.82 -24.22
N PRO A 113 1.56 -12.69 -24.10
CA PRO A 113 2.44 -13.66 -24.77
C PRO A 113 2.15 -15.07 -24.30
N GLU A 114 2.33 -16.03 -25.22
CA GLU A 114 1.97 -17.42 -24.93
C GLU A 114 2.72 -17.95 -23.71
N ASP A 115 3.95 -17.51 -23.49
CA ASP A 115 4.76 -18.07 -22.42
C ASP A 115 4.30 -17.63 -21.03
N MET A 116 3.32 -16.74 -20.92
CA MET A 116 2.79 -16.38 -19.61
C MET A 116 1.28 -16.48 -19.50
N GLN A 117 0.58 -16.92 -20.55
CA GLN A 117 -0.88 -17.02 -20.45
C GLN A 117 -1.30 -17.92 -19.29
N ALA A 118 -0.48 -18.94 -18.96
CA ALA A 118 -0.87 -19.87 -17.90
C ALA A 118 -0.99 -19.19 -16.52
N VAL A 119 -0.43 -17.98 -16.35
CA VAL A 119 -0.52 -17.34 -15.03
C VAL A 119 -1.99 -17.11 -14.64
N LEU A 120 -2.85 -16.91 -15.64
CA LEU A 120 -4.25 -16.62 -15.37
C LEU A 120 -5.02 -17.86 -14.88
N THR A 121 -4.44 -19.05 -14.95
CA THR A 121 -5.11 -20.29 -14.58
C THR A 121 -4.91 -20.64 -13.12
N PHE A 122 -4.14 -19.85 -12.38
CA PHE A 122 -3.91 -20.07 -10.96
C PHE A 122 -4.93 -19.30 -10.14
N ASN A 123 -5.42 -19.95 -9.08
CA ASN A 123 -6.43 -19.38 -8.20
C ASN A 123 -5.85 -18.16 -7.48
N GLY A 124 -6.48 -17.02 -7.69
CA GLY A 124 -6.04 -15.76 -7.13
C GLY A 124 -6.86 -15.37 -5.91
N ILE A 125 -6.21 -14.65 -5.01
CA ILE A 125 -6.81 -14.17 -3.76
C ILE A 125 -7.20 -12.71 -3.91
N LYS A 126 -8.44 -12.38 -3.56
CA LYS A 126 -8.89 -10.99 -3.68
C LYS A 126 -8.42 -10.20 -2.46
N TRP A 127 -7.72 -9.10 -2.70
CA TRP A 127 -7.30 -8.25 -1.59
C TRP A 127 -8.52 -7.48 -1.12
N SER A 128 -8.85 -7.62 0.17
CA SER A 128 -9.97 -6.89 0.77
C SER A 128 -9.43 -5.84 1.74
N HIS A 129 -9.58 -4.56 1.40
CA HIS A 129 -9.22 -3.48 2.30
C HIS A 129 -10.03 -3.54 3.58
N GLU A 130 -11.29 -4.00 3.51
CA GLU A 130 -12.11 -4.07 4.71
C GLU A 130 -11.79 -5.26 5.58
N TYR A 131 -11.24 -6.34 5.02
CA TYR A 131 -10.99 -7.57 5.77
C TYR A 131 -9.55 -8.04 5.50
N GLN A 132 -8.57 -7.23 5.94
CA GLN A 132 -7.17 -7.50 5.59
C GLN A 132 -6.62 -8.71 6.34
N GLU A 133 -6.95 -8.83 7.63
CA GLU A 133 -6.50 -9.99 8.39
C GLU A 133 -6.94 -11.29 7.75
N ALA A 134 -8.21 -11.35 7.31
CA ALA A 134 -8.72 -12.55 6.66
C ALA A 134 -8.04 -12.80 5.33
N THR A 135 -7.75 -11.72 4.59
CA THR A 135 -7.03 -11.88 3.33
C THR A 135 -5.65 -12.49 3.59
N ILE A 136 -4.91 -11.94 4.58
CA ILE A 136 -3.59 -12.45 4.93
C ILE A 136 -3.68 -13.91 5.34
N GLU A 137 -4.68 -14.24 6.16
CA GLU A 137 -4.83 -15.63 6.59
C GLU A 137 -5.03 -16.56 5.41
N LYS A 138 -5.77 -16.12 4.39
CA LYS A 138 -5.98 -16.95 3.20
C LYS A 138 -4.69 -17.10 2.42
N ILE A 139 -3.92 -16.00 2.29
CA ILE A 139 -2.62 -16.09 1.64
C ILE A 139 -1.72 -17.11 2.34
N ILE A 140 -1.67 -17.05 3.68
CA ILE A 140 -0.82 -18.00 4.41
C ILE A 140 -1.26 -19.45 4.14
N ARG A 141 -2.57 -19.71 4.06
CA ARG A 141 -3.05 -21.05 3.74
C ARG A 141 -2.60 -21.50 2.35
N PHE A 142 -2.47 -20.57 1.41
CA PHE A 142 -2.02 -20.90 0.06
C PHE A 142 -0.52 -21.16 -0.03
N LEU A 143 0.27 -20.63 0.90
CA LEU A 143 1.71 -20.80 0.79
C LEU A 143 2.14 -22.19 1.21
N GLN A 144 3.20 -22.66 0.58
CA GLN A 144 3.86 -23.92 0.91
C GLN A 144 5.13 -23.70 1.72
N THR B 5 -8.50 5.29 24.12
CA THR B 5 -8.65 5.85 22.78
C THR B 5 -7.32 5.86 22.03
N PRO B 6 -7.37 5.78 20.71
CA PRO B 6 -6.13 5.70 19.92
C PRO B 6 -5.23 6.93 20.03
N ASP B 7 -3.90 6.68 19.93
CA ASP B 7 -2.85 7.67 19.90
C ASP B 7 -2.77 8.40 18.55
N VAL B 8 -3.13 7.70 17.48
CA VAL B 8 -2.85 8.12 16.11
C VAL B 8 -4.11 7.90 15.30
N PHE B 9 -4.54 8.91 14.56
CA PHE B 9 -5.65 8.81 13.61
C PHE B 9 -5.06 8.91 12.21
N ILE B 10 -5.39 7.95 11.34
CA ILE B 10 -4.93 7.96 9.96
C ILE B 10 -6.06 8.39 9.03
N SER B 11 -5.86 9.52 8.37
CA SER B 11 -6.80 10.07 7.40
C SER B 11 -6.24 9.82 6.00
N TYR B 12 -7.10 9.36 5.10
CA TYR B 12 -6.58 8.97 3.78
C TYR B 12 -7.71 9.00 2.77
N ARG B 13 -7.34 9.06 1.50
CA ARG B 13 -8.30 8.95 0.40
C ARG B 13 -8.42 7.49 -0.01
N ARG B 14 -9.62 6.93 0.14
CA ARG B 14 -9.82 5.51 -0.05
C ARG B 14 -9.37 5.07 -1.44
N ASN B 15 -9.62 5.86 -2.46
CA ASN B 15 -9.35 5.33 -3.80
C ASN B 15 -7.91 5.43 -4.23
N SER B 16 -7.02 6.05 -3.43
CA SER B 16 -5.62 6.15 -3.81
C SER B 16 -4.63 5.86 -2.69
N GLY B 17 -4.98 6.04 -1.42
CA GLY B 17 -4.01 5.85 -0.35
C GLY B 17 -4.33 4.71 0.62
N SER B 18 -5.26 3.83 0.25
N SER B 18 -5.24 3.81 0.23
CA SER B 18 -5.70 2.80 1.19
CA SER B 18 -5.67 2.76 1.14
C SER B 18 -4.59 1.84 1.56
C SER B 18 -4.52 1.84 1.53
N GLN B 19 -3.72 1.51 0.60
N GLN B 19 -3.66 1.50 0.56
CA GLN B 19 -2.66 0.56 0.89
CA GLN B 19 -2.60 0.53 0.85
C GLN B 19 -1.61 1.18 1.81
C GLN B 19 -1.54 1.14 1.75
N LEU B 20 -1.16 2.39 1.48
CA LEU B 20 -0.18 3.05 2.34
C LEU B 20 -0.75 3.31 3.73
N ALA B 21 -2.01 3.73 3.80
CA ALA B 21 -2.63 3.95 5.10
C ALA B 21 -2.57 2.66 5.93
N SER B 22 -2.86 1.53 5.29
CA SER B 22 -2.83 0.23 5.96
C SER B 22 -1.41 -0.15 6.38
N LEU B 23 -0.47 0.12 5.51
CA LEU B 23 0.94 -0.15 5.81
C LEU B 23 1.42 0.68 6.98
N LEU B 24 1.04 1.96 7.01
CA LEU B 24 1.36 2.79 8.17
C LEU B 24 0.74 2.25 9.45
N LYS B 25 -0.52 1.81 9.40
CA LYS B 25 -1.16 1.28 10.60
C LYS B 25 -0.37 0.10 11.17
N VAL B 26 0.03 -0.84 10.30
CA VAL B 26 0.75 -2.01 10.76
C VAL B 26 2.04 -1.60 11.45
N HIS B 27 2.85 -0.79 10.78
CA HIS B 27 4.13 -0.39 11.33
C HIS B 27 3.98 0.37 12.64
N LEU B 28 3.03 1.29 12.70
CA LEU B 28 2.92 2.07 13.93
C LEU B 28 2.46 1.20 15.08
N GLN B 29 1.61 0.21 14.81
CA GLN B 29 1.22 -0.72 15.88
C GLN B 29 2.41 -1.55 16.33
N LEU B 30 3.26 -1.97 15.39
CA LEU B 30 4.44 -2.75 15.76
C LEU B 30 5.40 -1.95 16.63
N HIS B 31 5.33 -0.63 16.58
CA HIS B 31 6.18 0.24 17.39
C HIS B 31 5.47 0.76 18.63
N GLY B 32 4.28 0.24 18.92
CA GLY B 32 3.64 0.45 20.20
C GLY B 32 2.60 1.55 20.24
N PHE B 33 2.22 2.10 19.11
CA PHE B 33 1.19 3.13 19.06
C PHE B 33 -0.18 2.50 18.85
N SER B 34 -1.17 3.06 19.51
N SER B 34 -1.18 3.09 19.48
CA SER B 34 -2.56 2.74 19.23
CA SER B 34 -2.57 2.74 19.22
C SER B 34 -2.98 3.57 18.01
C SER B 34 -3.07 3.58 18.06
N VAL B 35 -3.61 2.92 17.05
CA VAL B 35 -3.92 3.54 15.75
C VAL B 35 -5.38 3.41 15.45
N PHE B 36 -5.99 4.50 14.99
CA PHE B 36 -7.32 4.47 14.41
C PHE B 36 -7.22 4.54 12.90
N ILE B 37 -7.71 3.52 12.22
CA ILE B 37 -8.03 3.60 10.80
C ILE B 37 -9.45 3.06 10.65
N ASP B 38 -10.24 3.69 9.79
CA ASP B 38 -11.68 3.43 9.80
C ASP B 38 -11.98 1.93 9.67
N VAL B 39 -11.28 1.23 8.77
CA VAL B 39 -11.65 -0.15 8.52
C VAL B 39 -11.33 -1.09 9.69
N GLU B 40 -10.48 -0.69 10.62
CA GLU B 40 -10.28 -1.51 11.81
C GLU B 40 -11.08 -1.04 13.02
N LYS B 41 -11.35 0.26 13.16
CA LYS B 41 -11.87 0.76 14.42
C LYS B 41 -13.13 1.61 14.37
N LEU B 42 -13.64 1.99 13.19
CA LEU B 42 -14.93 2.65 13.11
C LEU B 42 -16.01 1.59 13.25
N GLU B 43 -16.81 1.72 14.29
CA GLU B 43 -17.79 0.68 14.57
C GLU B 43 -19.18 1.28 14.44
N ALA B 44 -20.11 0.88 15.28
CA ALA B 44 -21.51 1.13 15.00
C ALA B 44 -21.88 2.57 15.32
N GLY B 45 -22.88 3.07 14.59
CA GLY B 45 -23.48 4.34 14.86
C GLY B 45 -23.39 5.29 13.68
N LYS B 46 -23.78 6.53 13.94
CA LYS B 46 -23.71 7.54 12.90
C LYS B 46 -22.24 7.89 12.65
N PHE B 47 -21.76 7.57 11.44
CA PHE B 47 -20.33 7.63 11.19
C PHE B 47 -19.82 9.06 11.20
N GLU B 48 -20.66 10.03 10.90
CA GLU B 48 -20.20 11.41 10.96
C GLU B 48 -19.75 11.75 12.38
N ASP B 49 -20.57 11.40 13.36
CA ASP B 49 -20.23 11.69 14.74
C ASP B 49 -19.03 10.87 15.20
N LYS B 50 -18.99 9.59 14.85
CA LYS B 50 -17.94 8.74 15.40
C LYS B 50 -16.57 9.08 14.80
N LEU B 51 -16.54 9.45 13.53
CA LEU B 51 -15.26 9.80 12.92
C LEU B 51 -14.70 11.07 13.52
N ILE B 52 -15.56 12.07 13.71
CA ILE B 52 -15.09 13.33 14.26
C ILE B 52 -14.64 13.14 15.70
N GLN B 53 -15.38 12.34 16.48
CA GLN B 53 -14.94 12.03 17.84
C GLN B 53 -13.58 11.34 17.84
N SER B 54 -13.34 10.48 16.86
CA SER B 54 -12.08 9.73 16.84
C SER B 54 -10.91 10.64 16.49
N VAL B 55 -11.13 11.60 15.57
CA VAL B 55 -10.09 12.61 15.32
C VAL B 55 -9.85 13.43 16.59
N MET B 56 -10.93 13.83 17.27
CA MET B 56 -10.76 14.66 18.46
C MET B 56 -10.00 13.91 19.56
N GLY B 57 -10.14 12.59 19.60
CA GLY B 57 -9.52 11.81 20.67
C GLY B 57 -8.06 11.49 20.47
N ALA B 58 -7.54 11.62 19.26
CA ALA B 58 -6.18 11.19 18.96
C ALA B 58 -5.19 12.35 18.96
N ARG B 59 -4.08 12.16 19.70
CA ARG B 59 -3.09 13.23 19.79
C ARG B 59 -2.44 13.51 18.45
N ASN B 60 -2.18 12.46 17.68
CA ASN B 60 -1.49 12.55 16.40
C ASN B 60 -2.46 12.31 15.25
N PHE B 61 -2.29 13.08 14.19
CA PHE B 61 -3.13 12.98 13.00
C PHE B 61 -2.20 12.76 11.84
N VAL B 62 -2.20 11.55 11.29
CA VAL B 62 -1.33 11.16 10.19
C VAL B 62 -2.16 11.24 8.92
N LEU B 63 -1.77 12.12 8.02
CA LEU B 63 -2.54 12.38 6.80
C LEU B 63 -1.81 11.83 5.59
N VAL B 64 -2.45 10.89 4.89
CA VAL B 64 -1.81 10.21 3.78
C VAL B 64 -2.05 11.03 2.53
N LEU B 65 -1.01 11.68 2.03
CA LEU B 65 -1.09 12.52 0.83
C LEU B 65 -0.58 11.71 -0.36
N SER B 66 -1.46 10.84 -0.83
CA SER B 66 -1.32 10.14 -2.09
C SER B 66 -1.57 11.14 -3.21
N PRO B 67 -1.31 10.76 -4.46
CA PRO B 67 -1.50 11.75 -5.54
C PRO B 67 -2.95 12.18 -5.64
N GLY B 68 -3.16 13.50 -5.65
CA GLY B 68 -4.50 14.01 -5.78
C GLY B 68 -5.35 13.89 -4.53
N ALA B 69 -4.75 13.60 -3.38
CA ALA B 69 -5.54 13.29 -2.20
C ALA B 69 -6.41 14.45 -1.72
N LEU B 70 -6.06 15.70 -2.03
CA LEU B 70 -6.86 16.83 -1.60
C LEU B 70 -7.70 17.42 -2.74
N ASP B 71 -7.72 16.76 -3.91
CA ASP B 71 -8.49 17.27 -5.04
C ASP B 71 -9.97 17.45 -4.67
N LYS B 72 -10.56 16.46 -4.00
CA LYS B 72 -11.98 16.57 -3.67
C LYS B 72 -12.24 17.58 -2.55
N CYS B 73 -11.20 18.09 -1.88
CA CYS B 73 -11.40 19.16 -0.92
C CYS B 73 -11.53 20.51 -1.61
N MET B 74 -11.03 20.62 -2.83
CA MET B 74 -11.03 21.91 -3.52
C MET B 74 -12.45 22.31 -3.84
N GLN B 75 -12.78 23.57 -3.53
CA GLN B 75 -14.11 24.16 -3.67
C GLN B 75 -15.17 23.51 -2.79
N ASP B 76 -14.76 22.75 -1.78
CA ASP B 76 -15.71 22.08 -0.91
C ASP B 76 -16.09 23.00 0.25
N HIS B 77 -16.76 24.09 -0.11
CA HIS B 77 -16.91 25.19 0.84
C HIS B 77 -17.92 24.87 1.94
N ASP B 78 -18.81 23.91 1.72
CA ASP B 78 -19.72 23.40 2.74
C ASP B 78 -19.11 22.27 3.57
N CYS B 79 -17.86 21.89 3.29
CA CYS B 79 -17.16 20.88 4.08
C CYS B 79 -17.92 19.56 4.11
N LYS B 80 -18.28 19.08 2.92
CA LYS B 80 -18.91 17.76 2.77
C LYS B 80 -17.92 16.65 2.49
N ASP B 81 -16.69 16.98 2.04
CA ASP B 81 -15.68 15.98 1.78
C ASP B 81 -15.06 15.47 3.08
N TRP B 82 -14.86 14.17 3.18
CA TRP B 82 -14.50 13.60 4.47
C TRP B 82 -13.04 13.86 4.85
N VAL B 83 -12.12 13.86 3.90
CA VAL B 83 -10.73 14.23 4.23
C VAL B 83 -10.67 15.69 4.66
N HIS B 84 -11.45 16.55 4.00
CA HIS B 84 -11.58 17.93 4.44
C HIS B 84 -12.11 18.02 5.86
N LYS B 85 -13.18 17.29 6.18
CA LYS B 85 -13.74 17.33 7.52
C LYS B 85 -12.74 16.86 8.56
N GLU B 86 -12.03 15.78 8.26
CA GLU B 86 -11.03 15.24 9.20
C GLU B 86 -9.91 16.25 9.42
N ILE B 87 -9.43 16.89 8.35
CA ILE B 87 -8.35 17.86 8.48
C ILE B 87 -8.79 19.08 9.30
N VAL B 88 -10.00 19.59 9.02
CA VAL B 88 -10.48 20.74 9.78
C VAL B 88 -10.59 20.39 11.26
N THR B 89 -11.07 19.18 11.57
CA THR B 89 -11.18 18.78 12.96
C THR B 89 -9.80 18.74 13.60
N ALA B 90 -8.81 18.17 12.90
CA ALA B 90 -7.47 18.07 13.47
C ALA B 90 -6.87 19.46 13.67
N LEU B 91 -7.08 20.36 12.71
CA LEU B 91 -6.57 21.72 12.84
C LEU B 91 -7.24 22.44 14.00
N SER B 92 -8.57 22.28 14.15
N SER B 92 -8.56 22.29 14.12
CA SER B 92 -9.31 23.01 15.17
CA SER B 92 -9.29 23.00 15.16
C SER B 92 -9.10 22.46 16.57
C SER B 92 -8.84 22.55 16.54
N CYS B 93 -8.52 21.26 16.70
CA CYS B 93 -8.15 20.72 17.99
C CYS B 93 -6.66 20.81 18.25
N GLY B 94 -5.91 21.42 17.35
CA GLY B 94 -4.48 21.60 17.54
C GLY B 94 -3.71 20.31 17.60
N LYS B 95 -4.13 19.32 16.81
CA LYS B 95 -3.45 18.03 16.84
C LYS B 95 -2.07 18.10 16.20
N ASN B 96 -1.25 17.11 16.54
CA ASN B 96 0.05 16.94 15.94
C ASN B 96 -0.15 16.34 14.55
N ILE B 97 -0.17 17.20 13.54
CA ILE B 97 -0.45 16.78 12.17
C ILE B 97 0.85 16.37 11.49
N VAL B 98 0.86 15.16 10.92
CA VAL B 98 2.04 14.59 10.28
C VAL B 98 1.64 14.14 8.87
N PRO B 99 1.82 15.00 7.87
CA PRO B 99 1.56 14.59 6.49
C PRO B 99 2.58 13.57 6.03
N ILE B 100 2.11 12.57 5.29
CA ILE B 100 2.96 11.57 4.66
C ILE B 100 2.80 11.77 3.16
N ILE B 101 3.90 12.09 2.48
CA ILE B 101 3.88 12.47 1.08
C ILE B 101 4.25 11.26 0.23
N ASP B 102 3.33 10.83 -0.61
CA ASP B 102 3.56 9.70 -1.50
C ASP B 102 3.08 10.09 -2.90
N GLY B 103 3.88 10.89 -3.60
CA GLY B 103 3.53 11.33 -4.94
C GLY B 103 2.63 12.53 -4.99
N PHE B 104 2.42 13.19 -3.86
CA PHE B 104 1.57 14.37 -3.77
C PHE B 104 2.30 15.56 -4.38
N GLU B 105 1.56 16.38 -5.10
CA GLU B 105 2.08 17.63 -5.64
C GLU B 105 1.52 18.78 -4.81
N TRP B 106 2.41 19.60 -4.27
CA TRP B 106 2.01 20.67 -3.39
C TRP B 106 1.21 21.72 -4.15
N PRO B 107 -0.04 21.97 -3.78
CA PRO B 107 -0.82 22.98 -4.49
C PRO B 107 -0.57 24.36 -3.90
N GLU B 108 -0.97 25.38 -4.66
CA GLU B 108 -1.02 26.70 -4.07
C GLU B 108 -2.14 26.73 -3.04
N PRO B 109 -1.93 27.34 -1.88
CA PRO B 109 -2.96 27.29 -0.83
C PRO B 109 -4.30 27.81 -1.28
N GLN B 110 -4.33 28.80 -2.18
CA GLN B 110 -5.60 29.44 -2.52
C GLN B 110 -6.58 28.51 -3.22
N VAL B 111 -6.12 27.35 -3.72
CA VAL B 111 -7.04 26.42 -4.36
C VAL B 111 -7.79 25.57 -3.35
N LEU B 112 -7.43 25.66 -2.06
CA LEU B 112 -8.09 24.93 -0.99
C LEU B 112 -8.96 25.84 -0.13
N PRO B 113 -10.01 25.29 0.48
CA PRO B 113 -10.81 26.09 1.43
C PRO B 113 -9.94 26.70 2.51
N GLU B 114 -10.29 27.92 2.93
CA GLU B 114 -9.46 28.62 3.91
C GLU B 114 -9.34 27.86 5.22
N ASP B 115 -10.37 27.10 5.58
CA ASP B 115 -10.37 26.41 6.87
C ASP B 115 -9.41 25.22 6.88
N MET B 116 -8.80 24.87 5.76
CA MET B 116 -7.79 23.80 5.78
C MET B 116 -6.47 24.18 5.11
N GLN B 117 -6.30 25.42 4.64
CA GLN B 117 -5.03 25.81 4.03
C GLN B 117 -3.85 25.57 4.95
N ALA B 118 -4.06 25.68 6.27
CA ALA B 118 -2.97 25.54 7.22
C ALA B 118 -2.35 24.16 7.18
N VAL B 119 -3.06 23.16 6.63
CA VAL B 119 -2.50 21.80 6.66
C VAL B 119 -1.19 21.75 5.89
N LEU B 120 -1.02 22.64 4.91
CA LEU B 120 0.18 22.64 4.10
C LEU B 120 1.39 23.20 4.84
N THR B 121 1.20 23.82 5.99
CA THR B 121 2.29 24.45 6.73
C THR B 121 2.99 23.50 7.68
N PHE B 122 2.50 22.27 7.77
CA PHE B 122 3.09 21.26 8.62
C PHE B 122 4.14 20.45 7.87
N ASN B 123 5.26 20.20 8.55
CA ASN B 123 6.37 19.45 7.95
C ASN B 123 5.92 18.04 7.62
N GLY B 124 6.07 17.67 6.36
CA GLY B 124 5.65 16.37 5.87
C GLY B 124 6.81 15.44 5.60
N ILE B 125 6.56 14.15 5.73
CA ILE B 125 7.55 13.10 5.58
C ILE B 125 7.37 12.44 4.22
N LYS B 126 8.44 12.34 3.46
CA LYS B 126 8.41 11.68 2.16
C LYS B 126 8.43 10.18 2.35
N TRP B 127 7.41 9.50 1.78
CA TRP B 127 7.39 8.06 1.80
C TRP B 127 8.41 7.54 0.79
N SER B 128 9.38 6.76 1.25
CA SER B 128 10.41 6.21 0.38
C SER B 128 10.22 4.70 0.27
N HIS B 129 9.79 4.24 -0.90
CA HIS B 129 9.67 2.81 -1.14
C HIS B 129 11.01 2.11 -1.01
N GLU B 130 12.12 2.79 -1.36
CA GLU B 130 13.42 2.15 -1.26
C GLU B 130 13.93 2.09 0.17
N TYR B 131 13.52 3.02 1.02
CA TYR B 131 14.02 3.13 2.39
C TYR B 131 12.84 3.23 3.35
N GLN B 132 12.07 2.14 3.45
CA GLN B 132 10.83 2.19 4.24
C GLN B 132 11.09 2.17 5.73
N GLU B 133 12.06 1.37 6.18
CA GLU B 133 12.37 1.35 7.61
C GLU B 133 12.78 2.73 8.10
N ALA B 134 13.56 3.44 7.27
CA ALA B 134 14.01 4.79 7.62
C ALA B 134 12.86 5.77 7.61
N THR B 135 11.92 5.59 6.68
CA THR B 135 10.73 6.43 6.66
C THR B 135 9.93 6.22 7.94
N ILE B 136 9.72 4.96 8.31
CA ILE B 136 8.95 4.67 9.53
C ILE B 136 9.64 5.24 10.76
N GLU B 137 10.96 5.09 10.86
CA GLU B 137 11.68 5.66 12.01
C GLU B 137 11.46 7.16 12.11
N LYS B 138 11.44 7.85 10.97
CA LYS B 138 11.22 9.29 10.98
C LYS B 138 9.81 9.61 11.42
N ILE B 139 8.82 8.84 10.94
CA ILE B 139 7.45 9.05 11.38
C ILE B 139 7.35 8.91 12.90
N ILE B 140 8.00 7.87 13.45
CA ILE B 140 7.91 7.66 14.90
C ILE B 140 8.55 8.83 15.65
N ARG B 141 9.64 9.40 15.13
CA ARG B 141 10.24 10.58 15.74
C ARG B 141 9.26 11.76 15.75
N PHE B 142 8.43 11.89 14.71
CA PHE B 142 7.47 12.97 14.64
C PHE B 142 6.27 12.79 15.59
N LEU B 143 5.97 11.55 15.97
CA LEU B 143 4.80 11.30 16.82
C LEU B 143 5.08 11.67 18.25
N GLN B 144 4.01 12.09 18.93
CA GLN B 144 4.01 12.38 20.36
C GLN B 144 3.38 11.25 21.15
O10 1QD C . 10.15 0.47 -11.70
C13 1QD C . 13.29 1.45 -13.44
C15 1QD C . 14.97 3.05 -13.81
C16 1QD C . 15.42 1.97 -12.83
C19 1QD C . 17.06 0.97 -14.51
C01 1QD C . 11.39 -6.36 -10.70
C02 1QD C . 10.83 -6.28 -9.28
C03 1QD C . 9.33 -6.21 -9.55
C04 1QD C . 9.22 -5.78 -11.01
C05 1QD C . 9.19 -4.28 -11.17
C12 1QD C . 12.67 0.27 -14.12
C14 1QD C . 13.77 2.43 -14.50
C21 1QD C . 18.63 0.44 -13.11
C22 1QD C . 17.63 1.00 -12.40
C24 1QD C . 18.81 0.73 -10.41
C26 1QD C . 19.79 0.02 -12.40
C37 1QD C . 12.64 -4.73 -12.14
C38 1QD C . 13.78 -3.90 -12.41
C39 1QD C . 14.83 -3.79 -11.47
C40 1QD C . 14.72 -4.49 -10.24
C41 1QD C . 13.56 -5.27 -10.04
C42 1QD C . 15.96 -2.97 -11.75
C43 1QD C . 16.03 -2.28 -12.97
C44 1QD C . 15.02 -2.39 -13.94
C45 1QD C . 13.88 -3.19 -13.65
I46 1QD C . 17.50 -2.80 -10.32
N18 1QD C . 16.66 1.32 -13.27
N20 1QD C . 18.27 0.41 -14.45
N23 1QD C . 17.70 1.15 -11.01
N25 1QD C . 19.82 0.18 -11.07
N27 1QD C . 20.87 -0.55 -13.13
N36 1QD C . 12.58 -5.36 -10.97
O06 1QD C . 9.13 -4.01 -12.59
O08 1QD C . 10.06 -1.88 -12.79
O11 1QD C . 12.16 -0.51 -13.03
O17 1QD C . 14.43 0.97 -12.70
O28 1QD C . 14.57 4.23 -13.10
O29 1QD C . 12.75 3.39 -14.75
O30 1QD C . 9.94 0.09 -14.16
O31 1QD C . 8.39 -2.67 -14.56
O32 1QD C . 7.56 -2.04 -12.31
O33 1QD C . 10.41 -6.26 -11.69
O34 1QD C . 8.68 -7.46 -9.30
O35 1QD C . 11.28 -7.47 -8.62
P07 1QD C . 8.67 -2.56 -13.10
P09 1QD C . 10.53 -0.40 -12.90
H131 1QD C . 12.58 1.94 -12.76
H151 1QD C . 15.77 3.29 -14.55
H161 1QD C . 15.59 2.48 -11.73
H011 1QD C . 11.81 -7.35 -10.80
H021 1QD C . 11.20 -5.30 -8.72
H031 1QD C . 8.82 -5.35 -8.83
H041 1QD C . 8.33 -6.22 -11.47
H141 1QD C . 14.11 1.84 -15.52
O10 1QD D . -14.02 5.66 0.72
C13 1QD D . -18.06 5.59 0.18
C15 1QD D . -19.98 4.35 -0.30
C16 1QD D . -19.61 4.24 1.19
C19 1QD D . -21.55 5.65 2.04
C01 1QD D . -13.01 8.73 6.19
C02 1QD D . -11.83 7.79 6.47
C03 1QD D . -10.76 8.36 5.55
C04 1QD D . -11.52 9.23 4.54
C05 1QD D . -11.94 8.48 3.30
C12 1QD D . -17.49 6.96 0.41
C14 1QD D . -19.26 5.62 -0.74
C21 1QD D . -22.00 4.50 3.85
C22 1QD D . -20.96 3.89 3.24
C24 1QD D . -20.84 2.22 4.85
C26 1QD D . -22.50 3.89 5.05
C37 1QD D . -15.26 8.51 5.05
C38 1QD D . -16.55 7.90 4.92
C39 1QD D . -16.90 6.81 5.73
C40 1QD D . -15.95 6.32 6.68
C41 1QD D . -14.71 6.97 6.75
C42 1QD D . -18.19 6.23 5.57
C43 1QD D . -19.11 6.72 4.64
C44 1QD D . -18.78 7.81 3.82
C45 1QD D . -17.49 8.40 3.96
I46 1QD D . -18.73 4.63 6.79
N18 1QD D . -20.68 4.62 2.11
N20 1QD D . -22.36 5.61 3.10
N23 1QD D . -20.34 2.74 3.72
N25 1QD D . -21.87 2.77 5.50
N27 1QD D . -23.60 4.50 5.77
N36 1QD D . -14.39 8.01 5.93
O06 1QD D . -12.77 9.41 2.54
O08 1QD D . -14.34 8.19 1.20
O11 1QD D . -16.35 6.68 1.23
O17 1QD D . -18.51 5.10 1.46
O28 1QD D . -19.45 3.22 -1.00
O29 1QD D . -18.81 5.55 -2.10
O30 1QD D . -14.99 7.24 -0.92
O31 1QD D . -13.52 10.37 0.32
O32 1QD D . -11.90 8.44 0.38
O33 1QD D . -12.72 9.68 5.19
O34 1QD D . -9.76 9.15 6.20
O35 1QD D . -11.52 7.89 7.86
P07 1QD D . -13.07 9.11 0.99
P09 1QD D . -14.88 6.89 0.51
H131 1QD D . -17.29 4.93 -0.24
H151 1QD D . -21.09 4.44 -0.43
H161 1QD D . -19.27 3.10 1.42
H011 1QD D . -13.14 9.30 7.10
H021 1QD D . -12.11 6.68 6.16
H031 1QD D . -10.21 7.44 4.95
H041 1QD D . -10.92 10.10 4.27
H141 1QD D . -19.96 6.62 -0.54
#